data_4S1M
#
_entry.id   4S1M
#
_cell.length_a   44.131
_cell.length_b   91.111
_cell.length_c   76.777
_cell.angle_alpha   90.00
_cell.angle_beta   99.64
_cell.angle_gamma   90.00
#
_symmetry.space_group_name_H-M   'P 1 21 1'
#
loop_
_entity.id
_entity.type
_entity.pdbx_description
1 polymer 'Pyridoxal kinase'
2 non-polymer 'MAGNESIUM ION'
3 water water
#
_entity_poly.entity_id   1
_entity_poly.type   'polypeptide(L)'
_entity_poly.pdbx_seq_one_letter_code
;MTNKVLTISSYVCSGFVGNRCGMIILDSFQIQSIFVLTTHLANHTGYPVVGGSGVLLNDFISIMDSLEVNHLDKDIEFLV
TGYFPSSDLVYETINRVKRIKDNKKVYFLCDPILGDNGKMYTKSEVQDSMKELIKYADIITPNATELSFLTGLEVNSVSE
AIKACHILHEQGIPVILVTSIKEGNDIILLCSFKDTLNNKNFTIKIPRIEGDFTGVGDTLTYILLSWIIKGIPLEHAVNR
AISTLQTILRNTVGTAEINIIN(CME)IPYLKGTEESFTITYILEHHHHHH
;
_entity_poly.pdbx_strand_id   A,B
#
loop_
_chem_comp.id
_chem_comp.type
_chem_comp.name
_chem_comp.formula
MG non-polymer 'MAGNESIUM ION' 'Mg 2'
#
# COMPACT_ATOMS: atom_id res chain seq x y z
N MET A 1 -4.47 17.76 -6.89
CA MET A 1 -4.65 16.57 -6.02
C MET A 1 -6.05 16.43 -5.38
N THR A 2 -6.98 15.69 -5.96
CA THR A 2 -8.23 15.31 -5.22
C THR A 2 -8.38 13.82 -5.37
N ASN A 3 -8.96 13.16 -4.38
CA ASN A 3 -9.19 11.74 -4.45
C ASN A 3 -10.35 11.44 -5.42
N LYS A 4 -10.05 10.59 -6.38
CA LYS A 4 -11.00 10.17 -7.41
C LYS A 4 -11.66 8.84 -7.11
N VAL A 5 -10.97 7.94 -6.43
CA VAL A 5 -11.42 6.62 -6.14
C VAL A 5 -11.42 6.38 -4.66
N LEU A 6 -12.44 5.70 -4.18
CA LEU A 6 -12.45 5.12 -2.84
C LEU A 6 -12.56 3.61 -3.01
N THR A 7 -11.60 2.85 -2.47
CA THR A 7 -11.63 1.39 -2.58
C THR A 7 -11.47 0.74 -1.21
N ILE A 8 -12.39 -0.16 -0.92
CA ILE A 8 -12.54 -0.80 0.38
C ILE A 8 -12.33 -2.24 0.20
N SER A 9 -11.18 -2.77 0.67
CA SER A 9 -10.84 -4.15 0.49
C SER A 9 -9.70 -4.59 1.43
N SER A 10 -9.28 -5.83 1.28
CA SER A 10 -8.32 -6.47 2.19
C SER A 10 -6.93 -5.96 1.98
N TYR A 11 -6.11 -6.20 3.01
CA TYR A 11 -4.69 -5.83 2.99
C TYR A 11 -3.84 -6.97 3.54
N VAL A 12 -2.74 -7.22 2.87
CA VAL A 12 -1.74 -8.15 3.31
C VAL A 12 -0.39 -7.46 3.36
N CYS A 13 0.42 -7.75 4.36
CA CYS A 13 1.74 -7.09 4.56
C CYS A 13 2.75 -7.57 3.56
N SER A 14 2.65 -8.84 3.21
CA SER A 14 3.48 -9.48 2.22
C SER A 14 2.55 -9.96 1.10
N GLY A 15 3.00 -9.84 -0.13
CA GLY A 15 2.21 -10.34 -1.25
C GLY A 15 1.08 -9.44 -1.67
N PHE A 16 0.24 -9.94 -2.60
CA PHE A 16 -0.61 -9.09 -3.43
C PHE A 16 -2.01 -9.63 -3.59
N VAL A 17 -2.91 -9.14 -2.75
CA VAL A 17 -4.31 -9.32 -2.89
C VAL A 17 -5.00 -8.03 -2.57
N GLY A 18 -6.29 -7.96 -2.92
CA GLY A 18 -7.17 -6.91 -2.49
C GLY A 18 -6.68 -5.51 -2.68
N ASN A 19 -6.73 -4.69 -1.66
CA ASN A 19 -6.25 -3.36 -1.78
C ASN A 19 -4.79 -3.17 -1.97
N ARG A 20 -3.97 -4.16 -1.67
CA ARG A 20 -2.59 -4.06 -2.06
C ARG A 20 -2.40 -4.11 -3.55
N CYS A 21 -3.14 -5.02 -4.20
CA CYS A 21 -3.23 -4.98 -5.71
C CYS A 21 -3.74 -3.64 -6.19
N GLY A 22 -4.83 -3.19 -5.58
CA GLY A 22 -5.37 -1.90 -5.83
C GLY A 22 -4.38 -0.74 -5.79
N MET A 23 -3.59 -0.72 -4.71
CA MET A 23 -2.57 0.31 -4.52
C MET A 23 -1.53 0.28 -5.64
N ILE A 24 -0.98 -0.90 -5.93
CA ILE A 24 0.07 -1.00 -6.97
C ILE A 24 -0.45 -0.51 -8.33
N ILE A 25 -1.66 -0.94 -8.66
CA ILE A 25 -2.22 -0.67 -9.99
C ILE A 25 -2.64 0.81 -10.09
N LEU A 26 -3.44 1.27 -9.16
CA LEU A 26 -3.93 2.63 -9.18
C LEU A 26 -2.79 3.64 -9.03
N ASP A 27 -1.81 3.33 -8.19
CA ASP A 27 -0.59 4.21 -8.14
C ASP A 27 0.10 4.30 -9.47
N SER A 28 0.30 3.14 -10.10
CA SER A 28 1.00 3.13 -11.38
C SER A 28 0.29 3.91 -12.49
N PHE A 29 -1.06 3.85 -12.46
CA PHE A 29 -1.91 4.62 -13.37
C PHE A 29 -2.06 6.08 -12.89
N GLN A 30 -1.47 6.40 -11.74
CA GLN A 30 -1.49 7.75 -11.19
C GLN A 30 -2.93 8.28 -10.97
N ILE A 31 -3.75 7.38 -10.51
CA ILE A 31 -5.15 7.65 -10.14
C ILE A 31 -5.22 7.82 -8.61
N GLN A 32 -5.48 9.05 -8.19
CA GLN A 32 -5.41 9.35 -6.75
C GLN A 32 -6.60 8.72 -6.04
N SER A 33 -6.32 7.91 -5.02
CA SER A 33 -7.26 7.02 -4.47
C SER A 33 -7.14 6.93 -2.95
N ILE A 34 -8.26 6.56 -2.31
CA ILE A 34 -8.29 6.30 -0.88
C ILE A 34 -8.38 4.79 -0.71
N PHE A 35 -7.50 4.22 0.12
CA PHE A 35 -7.49 2.78 0.36
C PHE A 35 -7.87 2.46 1.78
N VAL A 36 -9.15 2.17 1.97
CA VAL A 36 -9.64 1.78 3.28
C VAL A 36 -9.50 0.29 3.43
N LEU A 37 -8.82 -0.16 4.47
CA LEU A 37 -8.55 -1.57 4.66
C LEU A 37 -9.63 -2.27 5.41
N THR A 38 -9.87 -3.54 5.04
CA THR A 38 -10.84 -4.36 5.76
C THR A 38 -10.19 -5.48 6.59
N THR A 39 -8.85 -5.68 6.41
CA THR A 39 -8.05 -6.61 7.13
C THR A 39 -6.64 -6.03 7.25
N HIS A 40 -5.90 -6.55 8.21
CA HIS A 40 -4.47 -6.32 8.31
C HIS A 40 -3.84 -7.65 8.59
N LEU A 41 -3.58 -8.39 7.52
CA LEU A 41 -3.04 -9.72 7.63
C LEU A 41 -1.60 -9.76 7.17
N ALA A 42 -0.89 -10.73 7.68
CA ALA A 42 0.52 -10.92 7.32
C ALA A 42 0.68 -11.26 5.84
N ASN A 43 -0.23 -12.12 5.36
CA ASN A 43 -0.13 -12.75 4.06
C ASN A 43 -1.52 -13.32 3.73
N HIS A 44 -1.69 -13.74 2.46
CA HIS A 44 -3.01 -14.22 2.08
C HIS A 44 -3.31 -15.57 2.68
N THR A 45 -4.58 -15.96 2.56
CA THR A 45 -5.05 -17.17 3.28
C THR A 45 -4.59 -18.50 2.65
N GLY A 46 -3.93 -18.49 1.51
CA GLY A 46 -3.30 -19.62 0.93
C GLY A 46 -2.09 -20.28 1.55
N TYR A 47 -1.42 -19.52 2.43
CA TYR A 47 -0.22 -19.97 3.01
C TYR A 47 -0.46 -20.96 4.17
N PRO A 48 0.57 -21.67 4.59
CA PRO A 48 0.48 -22.62 5.75
C PRO A 48 -0.14 -21.96 6.99
N VAL A 49 0.21 -20.70 7.24
CA VAL A 49 -0.34 -19.98 8.40
C VAL A 49 -0.67 -18.55 8.03
N VAL A 50 -1.57 -17.95 8.81
CA VAL A 50 -2.05 -16.65 8.58
C VAL A 50 -1.88 -15.96 9.94
N GLY A 51 -1.70 -14.67 9.91
CA GLY A 51 -1.67 -13.90 11.16
C GLY A 51 -2.32 -12.58 10.87
N GLY A 52 -2.86 -11.98 11.94
CA GLY A 52 -3.51 -10.72 11.85
C GLY A 52 -5.02 -10.84 11.89
N SER A 53 -5.68 -9.69 11.93
CA SER A 53 -7.12 -9.61 12.21
C SER A 53 -7.84 -8.82 11.13
N GLY A 54 -9.14 -9.09 10.99
CA GLY A 54 -10.00 -8.20 10.27
C GLY A 54 -10.19 -6.89 10.99
N VAL A 55 -10.46 -5.86 10.20
CA VAL A 55 -10.77 -4.55 10.74
C VAL A 55 -12.11 -4.59 11.46
N LEU A 56 -12.15 -3.91 12.63
CA LEU A 56 -13.34 -3.90 13.48
C LEU A 56 -14.28 -2.82 12.96
N LEU A 57 -15.58 -3.06 13.11
CA LEU A 57 -16.59 -2.10 12.65
C LEU A 57 -16.37 -0.70 13.24
N ASN A 58 -16.06 -0.59 14.53
CA ASN A 58 -15.94 0.76 15.11
C ASN A 58 -14.84 1.56 14.44
N ASP A 59 -13.72 0.87 14.11
CA ASP A 59 -12.60 1.49 13.45
C ASP A 59 -12.94 1.87 12.04
N PHE A 60 -13.64 0.96 11.31
CA PHE A 60 -14.13 1.29 9.99
C PHE A 60 -15.02 2.55 9.97
N ILE A 61 -15.95 2.63 10.90
CA ILE A 61 -16.82 3.77 11.04
C ILE A 61 -16.03 5.04 11.34
N SER A 62 -15.06 4.93 12.25
CA SER A 62 -14.21 6.06 12.60
C SER A 62 -13.46 6.58 11.37
N ILE A 63 -12.93 5.64 10.59
CA ILE A 63 -12.24 6.01 9.37
C ILE A 63 -13.13 6.68 8.36
N MET A 64 -14.27 6.05 8.08
CA MET A 64 -15.16 6.60 7.05
C MET A 64 -15.70 7.98 7.53
N ASP A 65 -16.02 8.13 8.82
CA ASP A 65 -16.42 9.41 9.34
C ASP A 65 -15.32 10.49 9.15
N SER A 66 -14.08 10.10 9.42
CA SER A 66 -12.96 11.05 9.32
C SER A 66 -12.77 11.54 7.85
N LEU A 67 -12.82 10.61 6.93
CA LEU A 67 -12.73 10.96 5.50
C LEU A 67 -13.81 11.93 5.12
N GLU A 68 -15.05 11.68 5.57
CA GLU A 68 -16.13 12.58 5.24
C GLU A 68 -15.99 13.96 5.88
N VAL A 69 -15.72 14.01 7.17
CA VAL A 69 -15.67 15.29 7.89
C VAL A 69 -14.53 16.16 7.36
N ASN A 70 -13.42 15.51 7.00
CA ASN A 70 -12.24 16.24 6.44
C ASN A 70 -12.37 16.51 4.94
N HIS A 71 -13.51 16.18 4.34
CA HIS A 71 -13.82 16.42 2.93
C HIS A 71 -12.90 15.65 1.97
N LEU A 72 -12.32 14.54 2.43
CA LEU A 72 -11.36 13.78 1.62
C LEU A 72 -12.01 12.89 0.62
N ASP A 73 -13.32 12.68 0.74
CA ASP A 73 -14.09 11.87 -0.18
C ASP A 73 -15.12 12.68 -0.92
N LYS A 74 -14.99 14.00 -0.89
CA LYS A 74 -16.00 14.90 -1.47
C LYS A 74 -16.11 14.77 -3.00
N ASP A 75 -14.99 14.46 -3.65
CA ASP A 75 -14.85 14.47 -5.11
C ASP A 75 -14.70 13.09 -5.74
N ILE A 76 -14.93 12.04 -4.96
CA ILE A 76 -14.87 10.67 -5.46
C ILE A 76 -15.84 10.49 -6.63
N GLU A 77 -15.32 9.87 -7.71
CA GLU A 77 -16.17 9.51 -8.87
C GLU A 77 -16.32 8.01 -9.06
N PHE A 78 -15.54 7.23 -8.33
CA PHE A 78 -15.51 5.77 -8.43
C PHE A 78 -15.36 5.16 -7.07
N LEU A 79 -16.06 4.05 -6.88
CA LEU A 79 -16.00 3.31 -5.65
C LEU A 79 -15.77 1.89 -5.99
N VAL A 80 -14.92 1.23 -5.21
CA VAL A 80 -14.67 -0.20 -5.34
C VAL A 80 -14.85 -0.84 -4.03
N THR A 81 -15.47 -1.99 -3.98
CA THR A 81 -15.42 -2.83 -2.81
C THR A 81 -14.95 -4.21 -3.22
N GLY A 82 -14.24 -4.86 -2.29
CA GLY A 82 -13.72 -6.17 -2.48
C GLY A 82 -13.98 -7.07 -1.30
N TYR A 83 -12.94 -7.48 -0.60
CA TYR A 83 -13.07 -8.50 0.45
C TYR A 83 -13.51 -7.87 1.77
N PHE A 84 -14.46 -8.53 2.44
CA PHE A 84 -14.88 -8.22 3.79
C PHE A 84 -14.75 -9.42 4.68
N PRO A 85 -14.24 -9.24 5.90
CA PRO A 85 -14.11 -10.37 6.83
C PRO A 85 -15.38 -10.67 7.63
N SER A 86 -16.33 -9.75 7.65
CA SER A 86 -17.50 -9.87 8.49
C SER A 86 -18.62 -9.07 7.83
N SER A 87 -19.83 -9.51 8.09
CA SER A 87 -20.99 -8.88 7.48
C SER A 87 -21.34 -7.51 8.02
N ASP A 88 -20.99 -7.23 9.25
CA ASP A 88 -21.24 -5.87 9.79
C ASP A 88 -20.61 -4.75 8.96
N LEU A 89 -19.38 -4.98 8.45
CA LEU A 89 -18.72 -4.07 7.55
C LEU A 89 -19.44 -3.94 6.23
N VAL A 90 -19.99 -5.05 5.72
CA VAL A 90 -20.73 -5.00 4.46
C VAL A 90 -21.95 -4.10 4.62
N TYR A 91 -22.74 -4.33 5.68
CA TYR A 91 -23.96 -3.56 5.88
C TYR A 91 -23.59 -2.11 6.13
N GLU A 92 -22.53 -1.82 6.89
CA GLU A 92 -22.13 -0.43 7.04
C GLU A 92 -21.72 0.17 5.68
N THR A 93 -21.01 -0.60 4.88
CA THR A 93 -20.62 -0.10 3.56
C THR A 93 -21.86 0.27 2.73
N ILE A 94 -22.89 -0.57 2.77
CA ILE A 94 -24.14 -0.24 2.08
C ILE A 94 -24.61 1.14 2.56
N ASN A 95 -24.63 1.35 3.85
CA ASN A 95 -25.07 2.68 4.33
C ASN A 95 -24.24 3.83 3.71
N ARG A 96 -22.95 3.59 3.59
CA ARG A 96 -22.04 4.62 3.07
C ARG A 96 -22.20 4.83 1.59
N VAL A 97 -22.44 3.73 0.86
CA VAL A 97 -22.69 3.77 -0.60
C VAL A 97 -23.92 4.57 -0.88
N LYS A 98 -24.98 4.35 -0.12
CA LYS A 98 -26.17 5.11 -0.30
C LYS A 98 -25.90 6.58 -0.14
N ARG A 99 -25.20 6.95 0.92
CA ARG A 99 -24.89 8.39 1.15
C ARG A 99 -24.02 8.98 0.05
N ILE A 100 -23.02 8.23 -0.38
CA ILE A 100 -22.03 8.71 -1.38
C ILE A 100 -22.69 9.03 -2.72
N LYS A 101 -23.69 8.20 -3.06
CA LYS A 101 -24.43 8.30 -4.30
C LYS A 101 -25.58 9.31 -4.21
N ASP A 102 -25.86 9.78 -2.99
CA ASP A 102 -27.06 10.61 -2.76
C ASP A 102 -26.98 12.00 -3.35
N ASN A 103 -25.78 12.56 -3.44
CA ASN A 103 -25.58 13.91 -3.98
C ASN A 103 -24.70 14.00 -5.21
N LYS A 104 -24.22 12.86 -5.74
CA LYS A 104 -23.37 12.88 -6.92
C LYS A 104 -23.37 11.52 -7.58
N LYS A 105 -22.97 11.51 -8.83
CA LYS A 105 -22.85 10.27 -9.57
C LYS A 105 -21.52 9.62 -9.18
N VAL A 106 -21.58 8.40 -8.64
CA VAL A 106 -20.36 7.65 -8.35
C VAL A 106 -20.53 6.25 -8.92
N TYR A 107 -19.56 5.83 -9.73
CA TYR A 107 -19.59 4.54 -10.37
C TYR A 107 -18.99 3.54 -9.45
N PHE A 108 -19.81 2.59 -9.04
CA PHE A 108 -19.48 1.62 -8.03
C PHE A 108 -19.28 0.26 -8.70
N LEU A 109 -18.03 -0.18 -8.70
CA LEU A 109 -17.65 -1.54 -9.09
C LEU A 109 -17.54 -2.39 -7.83
N CYS A 110 -18.44 -3.35 -7.68
CA CYS A 110 -18.41 -4.31 -6.55
C CYS A 110 -17.79 -5.62 -7.00
N ASP A 111 -16.59 -5.93 -6.49
CA ASP A 111 -15.99 -7.20 -6.79
C ASP A 111 -16.41 -8.07 -5.61
N PRO A 112 -17.37 -8.98 -5.82
CA PRO A 112 -18.04 -9.74 -4.74
C PRO A 112 -17.22 -10.90 -4.30
N ILE A 113 -16.13 -10.59 -3.55
CA ILE A 113 -15.11 -11.57 -3.25
C ILE A 113 -15.63 -12.51 -2.15
N LEU A 114 -15.81 -13.80 -2.51
CA LEU A 114 -16.37 -14.83 -1.64
C LEU A 114 -15.65 -16.15 -1.71
N GLY A 115 -15.13 -16.51 -2.89
CA GLY A 115 -14.44 -17.77 -3.04
C GLY A 115 -14.04 -18.04 -4.47
N ASP A 116 -13.60 -19.26 -4.73
CA ASP A 116 -13.10 -19.61 -6.05
C ASP A 116 -13.07 -21.14 -6.12
N ASN A 117 -13.10 -21.67 -7.33
CA ASN A 117 -12.99 -23.10 -7.59
C ASN A 117 -13.93 -23.95 -6.74
N GLY A 118 -15.18 -23.52 -6.65
CA GLY A 118 -16.22 -24.24 -5.92
C GLY A 118 -16.26 -24.02 -4.41
N LYS A 119 -15.27 -23.30 -3.85
CA LYS A 119 -15.04 -23.25 -2.39
C LYS A 119 -14.98 -21.85 -1.86
N MET A 120 -15.70 -21.62 -0.78
CA MET A 120 -15.73 -20.32 -0.13
C MET A 120 -14.48 -20.03 0.74
N TYR A 121 -14.00 -18.79 0.70
CA TYR A 121 -12.97 -18.33 1.63
C TYR A 121 -13.43 -17.06 2.36
N THR A 122 -14.74 -17.05 2.65
CA THR A 122 -15.38 -15.99 3.42
C THR A 122 -16.34 -16.65 4.36
N LYS A 123 -16.66 -15.93 5.44
CA LYS A 123 -17.68 -16.38 6.37
C LYS A 123 -19.05 -16.45 5.69
N SER A 124 -19.83 -17.44 6.04
CA SER A 124 -21.20 -17.57 5.51
C SER A 124 -22.05 -16.28 5.68
N GLU A 125 -21.83 -15.53 6.77
CA GLU A 125 -22.60 -14.28 6.96
C GLU A 125 -22.28 -13.26 5.88
N VAL A 126 -21.03 -13.30 5.43
CA VAL A 126 -20.54 -12.39 4.41
C VAL A 126 -21.22 -12.66 3.08
N GLN A 127 -21.36 -13.95 2.76
CA GLN A 127 -22.08 -14.35 1.52
C GLN A 127 -23.46 -13.75 1.45
N ASP A 128 -24.24 -13.90 2.53
CA ASP A 128 -25.58 -13.35 2.52
C ASP A 128 -25.61 -11.85 2.36
N SER A 129 -24.74 -11.17 3.08
CA SER A 129 -24.67 -9.71 3.02
C SER A 129 -24.27 -9.22 1.63
N MET A 130 -23.42 -10.02 0.98
CA MET A 130 -22.93 -9.61 -0.34
C MET A 130 -24.10 -9.59 -1.36
N LYS A 131 -25.07 -10.47 -1.17
CA LYS A 131 -26.30 -10.44 -2.02
C LYS A 131 -27.02 -9.10 -1.93
N GLU A 132 -26.94 -8.44 -0.78
CA GLU A 132 -27.47 -7.08 -0.66
C GLU A 132 -26.57 -6.02 -1.29
N LEU A 133 -25.26 -6.06 -1.00
CA LEU A 133 -24.33 -5.02 -1.47
C LEU A 133 -24.34 -4.91 -3.02
N ILE A 134 -24.37 -6.05 -3.70
CA ILE A 134 -24.28 -6.02 -5.17
C ILE A 134 -25.44 -5.26 -5.83
N LYS A 135 -26.60 -5.22 -5.16
CA LYS A 135 -27.75 -4.53 -5.70
C LYS A 135 -27.52 -3.04 -5.89
N TYR A 136 -26.51 -2.46 -5.21
CA TYR A 136 -26.22 -1.05 -5.29
C TYR A 136 -25.15 -0.73 -6.32
N ALA A 137 -24.57 -1.76 -6.98
CA ALA A 137 -23.41 -1.57 -7.86
C ALA A 137 -23.79 -1.26 -9.29
N ASP A 138 -22.94 -0.47 -9.94
CA ASP A 138 -23.04 -0.23 -11.39
C ASP A 138 -22.55 -1.39 -12.21
N ILE A 139 -21.52 -2.07 -11.69
CA ILE A 139 -20.94 -3.23 -12.36
C ILE A 139 -20.49 -4.15 -11.26
N ILE A 140 -20.65 -5.45 -11.45
CA ILE A 140 -20.06 -6.45 -10.53
C ILE A 140 -19.14 -7.40 -11.29
N THR A 141 -18.15 -7.96 -10.59
CA THR A 141 -17.12 -8.78 -11.21
C THR A 141 -16.96 -10.17 -10.52
N PRO A 142 -18.03 -10.97 -10.44
CA PRO A 142 -17.91 -12.26 -9.81
C PRO A 142 -17.14 -13.21 -10.70
N ASN A 143 -16.39 -14.13 -10.10
CA ASN A 143 -16.04 -15.32 -10.80
C ASN A 143 -17.24 -16.29 -10.81
N ALA A 144 -17.10 -17.43 -11.52
CA ALA A 144 -18.23 -18.36 -11.64
C ALA A 144 -18.73 -18.89 -10.33
N THR A 145 -17.79 -19.14 -9.42
CA THR A 145 -18.18 -19.64 -8.10
C THR A 145 -19.04 -18.60 -7.36
N GLU A 146 -18.63 -17.35 -7.46
CA GLU A 146 -19.26 -16.24 -6.77
C GLU A 146 -20.65 -16.00 -7.38
N LEU A 147 -20.71 -16.08 -8.71
CA LEU A 147 -22.02 -15.97 -9.38
C LEU A 147 -22.97 -17.06 -8.96
N SER A 148 -22.48 -18.29 -8.90
CA SER A 148 -23.30 -19.44 -8.50
C SER A 148 -23.84 -19.23 -7.09
N PHE A 149 -22.96 -18.82 -6.18
CA PHE A 149 -23.43 -18.51 -4.85
C PHE A 149 -24.46 -17.41 -4.78
N LEU A 150 -24.19 -16.33 -5.49
CA LEU A 150 -25.09 -15.18 -5.43
C LEU A 150 -26.49 -15.48 -5.99
N THR A 151 -26.64 -16.49 -6.83
CA THR A 151 -27.89 -16.74 -7.53
C THR A 151 -28.54 -18.06 -7.14
N GLY A 152 -27.79 -18.97 -6.52
CA GLY A 152 -28.26 -20.33 -6.33
C GLY A 152 -28.31 -21.19 -7.59
N LEU A 153 -27.78 -20.74 -8.70
CA LEU A 153 -27.70 -21.53 -9.91
C LEU A 153 -26.30 -22.11 -10.09
N GLU A 154 -26.24 -23.23 -10.81
CA GLU A 154 -24.96 -23.77 -11.23
C GLU A 154 -24.37 -22.87 -12.33
N VAL A 155 -23.06 -22.67 -12.31
CA VAL A 155 -22.41 -21.91 -13.35
C VAL A 155 -21.22 -22.66 -13.88
N ASN A 156 -21.49 -23.57 -14.80
CA ASN A 156 -20.46 -24.42 -15.40
C ASN A 156 -20.40 -24.27 -16.90
N SER A 157 -21.00 -23.22 -17.41
CA SER A 157 -21.02 -22.94 -18.85
C SER A 157 -21.43 -21.51 -19.09
N VAL A 158 -21.07 -20.98 -20.26
CA VAL A 158 -21.56 -19.67 -20.67
C VAL A 158 -23.07 -19.63 -20.61
N SER A 159 -23.73 -20.65 -21.14
CA SER A 159 -25.19 -20.65 -21.16
C SER A 159 -25.76 -20.51 -19.74
N GLU A 160 -25.16 -21.28 -18.84
CA GLU A 160 -25.59 -21.21 -17.42
C GLU A 160 -25.29 -19.85 -16.80
N ALA A 161 -24.11 -19.30 -17.14
CA ALA A 161 -23.72 -17.98 -16.62
C ALA A 161 -24.71 -16.89 -17.06
N ILE A 162 -25.14 -16.96 -18.34
CA ILE A 162 -26.13 -16.01 -18.85
C ILE A 162 -27.41 -16.08 -18.03
N LYS A 163 -27.89 -17.29 -17.75
CA LYS A 163 -29.12 -17.47 -16.94
C LYS A 163 -28.99 -16.91 -15.53
N ALA A 164 -27.84 -17.11 -14.93
CA ALA A 164 -27.59 -16.63 -13.61
C ALA A 164 -27.49 -15.11 -13.61
N CYS A 165 -26.81 -14.56 -14.61
CA CYS A 165 -26.65 -13.09 -14.69
C CYS A 165 -28.03 -12.49 -14.74
N HIS A 166 -28.93 -13.12 -15.51
CA HIS A 166 -30.25 -12.60 -15.65
C HIS A 166 -31.04 -12.43 -14.36
N ILE A 167 -30.84 -13.37 -13.41
CA ILE A 167 -31.41 -13.23 -12.05
C ILE A 167 -30.96 -11.90 -11.44
N LEU A 168 -29.66 -11.61 -11.54
CA LEU A 168 -29.12 -10.41 -10.94
C LEU A 168 -29.49 -9.13 -11.69
N HIS A 169 -29.59 -9.22 -13.02
CA HIS A 169 -30.06 -8.06 -13.79
C HIS A 169 -31.50 -7.71 -13.35
N GLU A 170 -32.30 -8.73 -13.10
CA GLU A 170 -33.69 -8.49 -12.66
C GLU A 170 -33.75 -7.75 -11.34
N GLN A 171 -32.70 -7.83 -10.52
CA GLN A 171 -32.63 -7.10 -9.27
C GLN A 171 -32.15 -5.69 -9.50
N GLY A 172 -31.79 -5.36 -10.75
CA GLY A 172 -31.38 -4.01 -11.09
C GLY A 172 -29.94 -3.81 -11.48
N ILE A 173 -29.11 -4.84 -11.35
CA ILE A 173 -27.70 -4.68 -11.61
C ILE A 173 -27.43 -4.48 -13.11
N PRO A 174 -26.85 -3.36 -13.50
CA PRO A 174 -26.79 -3.10 -14.93
C PRO A 174 -25.81 -3.95 -15.74
N VAL A 175 -24.66 -4.25 -15.14
CA VAL A 175 -23.59 -4.90 -15.91
C VAL A 175 -22.91 -5.93 -15.00
N ILE A 176 -22.68 -7.10 -15.55
CA ILE A 176 -22.04 -8.16 -14.81
C ILE A 176 -20.91 -8.71 -15.64
N LEU A 177 -19.69 -8.67 -15.12
CA LEU A 177 -18.56 -9.32 -15.78
C LEU A 177 -18.26 -10.61 -14.99
N VAL A 178 -18.50 -11.77 -15.59
CA VAL A 178 -18.22 -13.04 -14.99
C VAL A 178 -16.81 -13.43 -15.42
N THR A 179 -15.87 -13.48 -14.51
CA THR A 179 -14.44 -13.26 -14.89
C THR A 179 -13.77 -14.52 -15.24
N SER A 180 -14.32 -15.66 -14.83
CA SER A 180 -13.71 -16.91 -15.19
C SER A 180 -14.80 -17.97 -15.12
N ILE A 181 -15.03 -18.65 -16.24
CA ILE A 181 -15.98 -19.74 -16.38
C ILE A 181 -15.10 -20.83 -17.06
N LYS A 182 -15.08 -22.02 -16.51
CA LYS A 182 -14.15 -23.08 -16.98
C LYS A 182 -14.67 -23.70 -18.28
N GLU A 183 -13.93 -23.71 -19.42
CA GLU A 183 -14.34 -24.57 -20.59
C GLU A 183 -13.15 -25.34 -21.22
N GLY A 184 -13.05 -26.64 -20.89
CA GLY A 184 -11.86 -27.42 -21.20
C GLY A 184 -10.67 -26.83 -20.48
N ASN A 185 -9.61 -26.51 -21.23
CA ASN A 185 -8.44 -25.78 -20.70
C ASN A 185 -8.43 -24.33 -21.21
N ASP A 186 -9.60 -23.84 -21.60
CA ASP A 186 -9.87 -22.42 -21.78
C ASP A 186 -10.71 -21.93 -20.59
N ILE A 187 -10.53 -20.65 -20.35
CA ILE A 187 -11.35 -19.92 -19.43
C ILE A 187 -12.16 -18.97 -20.30
N ILE A 188 -13.45 -18.80 -19.98
CA ILE A 188 -14.29 -17.84 -20.66
C ILE A 188 -14.70 -16.69 -19.70
N LEU A 189 -14.64 -15.50 -20.18
CA LEU A 189 -15.16 -14.40 -19.49
C LEU A 189 -16.40 -13.97 -20.24
N LEU A 190 -17.41 -13.55 -19.48
CA LEU A 190 -18.69 -13.11 -20.04
C LEU A 190 -19.00 -11.74 -19.52
N CYS A 191 -19.45 -10.85 -20.41
CA CYS A 191 -19.90 -9.52 -19.99
C CYS A 191 -21.34 -9.46 -20.40
N SER A 192 -22.23 -9.37 -19.40
CA SER A 192 -23.64 -9.44 -19.55
C SER A 192 -24.31 -8.08 -19.12
N PHE A 193 -25.28 -7.64 -19.93
CA PHE A 193 -25.96 -6.39 -19.71
C PHE A 193 -27.45 -6.61 -19.44
N LYS A 194 -27.96 -5.80 -18.53
CA LYS A 194 -29.41 -5.75 -18.28
C LYS A 194 -30.13 -5.24 -19.52
N ASP A 195 -29.54 -4.21 -20.13
CA ASP A 195 -30.16 -3.59 -21.31
C ASP A 195 -29.44 -4.17 -22.56
N THR A 196 -30.05 -5.19 -23.18
CA THR A 196 -29.48 -5.80 -24.38
C THR A 196 -30.09 -5.18 -25.64
N LEU A 197 -30.92 -4.14 -25.48
CA LEU A 197 -31.33 -3.29 -26.64
C LEU A 197 -30.13 -2.48 -27.10
N ASN A 198 -29.47 -1.83 -26.16
CA ASN A 198 -28.40 -0.85 -26.44
C ASN A 198 -27.00 -1.32 -26.21
N ASN A 199 -26.84 -2.56 -25.74
CA ASN A 199 -25.50 -3.11 -25.46
C ASN A 199 -25.55 -4.51 -25.99
N LYS A 200 -24.39 -5.06 -26.35
CA LYS A 200 -24.29 -6.44 -26.78
C LYS A 200 -23.49 -7.25 -25.75
N ASN A 201 -24.09 -8.32 -25.22
CA ASN A 201 -23.34 -9.24 -24.37
C ASN A 201 -22.17 -9.85 -25.15
N PHE A 202 -21.06 -10.11 -24.47
CA PHE A 202 -19.93 -10.73 -25.16
C PHE A 202 -19.16 -11.67 -24.29
N THR A 203 -18.39 -12.53 -24.96
CA THR A 203 -17.44 -13.39 -24.31
C THR A 203 -16.02 -13.23 -24.81
N ILE A 204 -15.07 -13.61 -23.96
CA ILE A 204 -13.65 -13.66 -24.34
C ILE A 204 -13.09 -14.99 -23.85
N LYS A 205 -12.47 -15.72 -24.77
CA LYS A 205 -11.92 -16.98 -24.50
C LYS A 205 -10.42 -16.79 -24.37
N ILE A 206 -9.89 -17.30 -23.30
CA ILE A 206 -8.45 -17.28 -23.18
C ILE A 206 -7.87 -18.63 -22.78
N PRO A 207 -6.61 -18.91 -23.15
CA PRO A 207 -6.05 -20.17 -22.70
C PRO A 207 -5.67 -20.11 -21.20
N ARG A 208 -5.69 -21.26 -20.56
CA ARG A 208 -5.41 -21.33 -19.14
C ARG A 208 -3.89 -21.33 -19.00
N ILE A 209 -3.35 -20.46 -18.14
CA ILE A 209 -1.99 -20.61 -17.65
C ILE A 209 -2.14 -21.31 -16.28
N GLU A 210 -1.66 -22.55 -16.19
CA GLU A 210 -1.90 -23.39 -15.02
C GLU A 210 -1.41 -22.80 -13.69
N GLY A 211 -2.37 -22.41 -12.84
CA GLY A 211 -2.20 -21.40 -11.80
C GLY A 211 -2.89 -21.53 -10.46
N ASP A 212 -3.15 -20.41 -9.76
CA ASP A 212 -3.65 -20.41 -8.37
C ASP A 212 -4.18 -19.09 -7.72
N PHE A 213 -3.77 -17.97 -8.22
CA PHE A 213 -3.87 -16.79 -7.42
C PHE A 213 -5.25 -16.07 -7.25
N THR A 214 -5.56 -15.68 -6.02
CA THR A 214 -6.77 -14.91 -5.81
C THR A 214 -6.45 -13.47 -6.23
N GLY A 215 -5.15 -13.20 -6.25
CA GLY A 215 -4.64 -11.97 -6.73
C GLY A 215 -4.82 -11.82 -8.20
N VAL A 216 -5.05 -12.92 -8.91
CA VAL A 216 -5.44 -12.84 -10.31
C VAL A 216 -6.68 -12.03 -10.51
N GLY A 217 -7.80 -12.43 -9.88
CA GLY A 217 -9.00 -11.67 -10.03
C GLY A 217 -8.88 -10.26 -9.56
N ASP A 218 -8.17 -10.08 -8.43
CA ASP A 218 -8.07 -8.74 -7.86
C ASP A 218 -7.30 -7.81 -8.80
N THR A 219 -6.26 -8.32 -9.40
CA THR A 219 -5.46 -7.57 -10.39
C THR A 219 -6.33 -7.16 -11.59
N LEU A 220 -7.10 -8.13 -12.06
CA LEU A 220 -8.05 -7.83 -13.17
C LEU A 220 -9.02 -6.68 -12.86
N THR A 221 -9.63 -6.71 -11.68
CA THR A 221 -10.52 -5.68 -11.23
C THR A 221 -9.93 -4.30 -11.31
N TYR A 222 -8.70 -4.18 -10.84
CA TYR A 222 -8.12 -2.82 -10.80
C TYR A 222 -7.58 -2.34 -12.15
N ILE A 223 -7.04 -3.24 -12.95
CA ILE A 223 -6.63 -2.82 -14.27
C ILE A 223 -7.86 -2.41 -15.08
N LEU A 224 -8.92 -3.22 -15.01
CA LEU A 224 -10.17 -2.90 -15.67
C LEU A 224 -10.69 -1.54 -15.23
N LEU A 225 -10.75 -1.34 -13.90
CA LEU A 225 -11.21 -0.03 -13.39
C LEU A 225 -10.39 1.13 -13.89
N SER A 226 -9.05 0.96 -13.90
CA SER A 226 -8.17 2.02 -14.34
C SER A 226 -8.49 2.45 -15.74
N TRP A 227 -8.64 1.48 -16.63
CA TRP A 227 -8.97 1.84 -17.99
C TRP A 227 -10.34 2.47 -18.12
N ILE A 228 -11.30 1.99 -17.36
CA ILE A 228 -12.63 2.66 -17.34
C ILE A 228 -12.47 4.14 -16.94
N ILE A 229 -11.68 4.39 -15.91
CA ILE A 229 -11.44 5.72 -15.39
C ILE A 229 -10.73 6.60 -16.45
N LYS A 230 -9.77 6.03 -17.18
CA LYS A 230 -9.12 6.69 -18.31
C LYS A 230 -10.01 6.91 -19.54
N GLY A 231 -11.24 6.43 -19.49
CA GLY A 231 -12.23 6.68 -20.54
C GLY A 231 -12.26 5.65 -21.68
N ILE A 232 -11.66 4.49 -21.50
CA ILE A 232 -11.64 3.41 -22.50
C ILE A 232 -12.99 2.69 -22.46
N PRO A 233 -13.66 2.52 -23.62
CA PRO A 233 -14.90 1.76 -23.57
C PRO A 233 -14.71 0.38 -22.92
N LEU A 234 -15.77 -0.04 -22.27
CA LEU A 234 -15.76 -1.26 -21.48
C LEU A 234 -15.20 -2.48 -22.20
N GLU A 235 -15.61 -2.77 -23.46
CA GLU A 235 -15.13 -3.94 -24.18
C GLU A 235 -13.61 -3.90 -24.26
N HIS A 236 -13.11 -2.73 -24.58
CA HIS A 236 -11.68 -2.55 -24.78
C HIS A 236 -10.94 -2.57 -23.48
N ALA A 237 -11.54 -1.98 -22.44
CA ALA A 237 -10.97 -2.02 -21.10
C ALA A 237 -10.84 -3.44 -20.60
N VAL A 238 -11.87 -4.25 -20.77
CA VAL A 238 -11.81 -5.68 -20.42
C VAL A 238 -10.71 -6.43 -21.20
N ASN A 239 -10.62 -6.21 -22.50
CA ASN A 239 -9.61 -6.87 -23.33
C ASN A 239 -8.18 -6.45 -22.87
N ARG A 240 -7.98 -5.16 -22.63
CA ARG A 240 -6.67 -4.73 -22.10
C ARG A 240 -6.38 -5.42 -20.81
N ALA A 241 -7.35 -5.40 -19.90
CA ALA A 241 -7.10 -5.91 -18.55
C ALA A 241 -6.73 -7.40 -18.60
N ILE A 242 -7.53 -8.19 -19.31
CA ILE A 242 -7.22 -9.64 -19.34
C ILE A 242 -5.89 -9.95 -20.08
N SER A 243 -5.62 -9.14 -21.08
CA SER A 243 -4.37 -9.22 -21.84
C SER A 243 -3.15 -8.94 -20.97
N THR A 244 -3.23 -7.86 -20.20
CA THR A 244 -2.16 -7.50 -19.31
C THR A 244 -2.01 -8.55 -18.21
N LEU A 245 -3.13 -9.06 -17.72
CA LEU A 245 -3.07 -10.09 -16.72
C LEU A 245 -2.38 -11.31 -17.30
N GLN A 246 -2.65 -11.70 -18.54
CA GLN A 246 -2.01 -12.90 -19.09
C GLN A 246 -0.45 -12.69 -19.19
N THR A 247 -0.05 -11.48 -19.54
CA THR A 247 1.39 -11.13 -19.59
C THR A 247 1.96 -11.27 -18.17
N ILE A 248 1.27 -10.78 -17.16
CA ILE A 248 1.72 -10.95 -15.77
C ILE A 248 1.92 -12.42 -15.41
N LEU A 249 0.93 -13.24 -15.74
CA LEU A 249 0.99 -14.66 -15.39
C LEU A 249 2.12 -15.38 -16.11
N ARG A 250 2.36 -15.07 -17.38
CA ARG A 250 3.49 -15.70 -18.06
C ARG A 250 4.79 -15.36 -17.43
N ASN A 251 4.84 -14.18 -16.86
CA ASN A 251 6.02 -13.70 -16.18
C ASN A 251 6.03 -14.04 -14.69
N THR A 252 5.15 -14.94 -14.22
CA THR A 252 5.12 -15.35 -12.84
C THR A 252 5.77 -16.73 -12.68
N VAL A 253 6.79 -16.84 -11.83
CA VAL A 253 7.51 -18.11 -11.59
C VAL A 253 6.83 -19.05 -10.58
N GLY A 254 6.63 -18.64 -9.32
CA GLY A 254 5.92 -19.52 -8.36
C GLY A 254 4.41 -19.58 -8.64
N THR A 255 3.66 -20.18 -7.74
CA THR A 255 2.20 -19.98 -7.71
C THR A 255 1.74 -19.33 -6.41
N ALA A 256 2.65 -19.05 -5.48
CA ALA A 256 2.23 -18.38 -4.22
C ALA A 256 1.68 -16.96 -4.46
N GLU A 257 2.35 -16.21 -5.34
CA GLU A 257 2.00 -14.78 -5.56
C GLU A 257 2.14 -14.44 -7.04
N ILE A 258 1.26 -13.58 -7.49
CA ILE A 258 1.37 -13.03 -8.86
C ILE A 258 2.58 -12.06 -8.84
N ASN A 259 3.33 -12.04 -9.92
CA ASN A 259 4.52 -11.23 -9.99
C ASN A 259 4.23 -9.77 -10.37
N ILE A 260 3.42 -9.09 -9.59
CA ILE A 260 2.89 -7.79 -9.98
C ILE A 260 3.95 -6.65 -9.79
N ILE A 261 4.83 -6.75 -8.77
CA ILE A 261 5.88 -5.69 -8.57
C ILE A 261 6.82 -5.62 -9.70
N ASN A 262 7.31 -6.76 -10.15
CA ASN A 262 8.15 -6.77 -11.25
C ASN A 262 7.52 -6.38 -12.60
N CME A 263 6.21 -6.50 -12.69
CA CME A 263 5.50 -6.16 -13.91
CB CME A 263 4.38 -7.22 -14.11
SG CME A 263 5.11 -8.82 -14.49
SD CME A 263 6.09 -8.60 -16.22
CE CME A 263 7.81 -8.46 -15.93
CZ CME A 263 8.39 -9.43 -14.94
OH CME A 263 9.85 -9.50 -15.02
C CME A 263 4.91 -4.78 -13.88
O CME A 263 4.31 -4.36 -14.84
N ILE A 264 5.24 -3.94 -12.86
CA ILE A 264 4.74 -2.59 -12.82
C ILE A 264 4.94 -1.82 -14.10
N PRO A 265 6.09 -1.90 -14.76
CA PRO A 265 6.31 -1.13 -16.00
C PRO A 265 5.39 -1.49 -17.17
N TYR A 266 4.70 -2.62 -17.06
CA TYR A 266 3.86 -3.18 -18.09
C TYR A 266 2.38 -3.10 -17.79
N LEU A 267 2.02 -2.54 -16.62
CA LEU A 267 0.63 -2.48 -16.18
C LEU A 267 -0.29 -1.62 -17.06
N LYS A 268 0.27 -0.58 -17.67
CA LYS A 268 -0.45 0.33 -18.58
C LYS A 268 -0.38 -0.14 -20.06
N GLY A 269 -0.03 -1.40 -20.29
CA GLY A 269 -0.06 -1.95 -21.64
C GLY A 269 -1.44 -1.73 -22.32
N THR A 270 -1.40 -1.47 -23.63
CA THR A 270 -2.64 -1.21 -24.38
C THR A 270 -2.93 -2.35 -25.32
N GLU A 271 -2.12 -3.40 -25.32
CA GLU A 271 -2.34 -4.59 -26.17
C GLU A 271 -3.72 -5.18 -25.81
N GLU A 272 -4.50 -5.48 -26.85
CA GLU A 272 -5.84 -6.11 -26.73
C GLU A 272 -5.71 -7.41 -27.51
N SER A 273 -5.21 -8.46 -26.83
CA SER A 273 -4.69 -9.64 -27.47
C SER A 273 -5.75 -10.66 -27.87
N PHE A 274 -6.95 -10.53 -27.35
CA PHE A 274 -8.00 -11.53 -27.53
C PHE A 274 -9.13 -11.05 -28.40
N THR A 275 -9.96 -12.02 -28.78
CA THR A 275 -11.11 -11.76 -29.65
C THR A 275 -12.38 -11.64 -28.80
N ILE A 276 -13.08 -10.53 -29.01
CA ILE A 276 -14.37 -10.29 -28.37
C ILE A 276 -15.43 -10.95 -29.31
N THR A 277 -16.16 -11.92 -28.76
CA THR A 277 -17.24 -12.58 -29.50
C THR A 277 -18.58 -12.19 -28.92
N TYR A 278 -19.42 -11.54 -29.73
CA TYR A 278 -20.74 -11.15 -29.26
C TYR A 278 -21.69 -12.29 -29.23
N ILE A 279 -22.68 -12.20 -28.38
CA ILE A 279 -23.78 -13.14 -28.42
C ILE A 279 -24.96 -12.53 -29.20
N MET B 1 11.61 -15.00 -6.40
CA MET B 1 10.62 -13.90 -6.01
C MET B 1 10.52 -13.74 -4.46
N THR B 2 11.34 -12.87 -3.87
CA THR B 2 11.55 -12.93 -2.42
C THR B 2 11.55 -11.52 -1.87
N ASN B 3 11.08 -11.40 -0.63
CA ASN B 3 11.06 -10.12 0.02
C ASN B 3 12.49 -9.72 0.41
N LYS B 4 12.83 -8.50 0.03
CA LYS B 4 14.14 -7.91 0.34
C LYS B 4 14.10 -6.95 1.52
N VAL B 5 12.98 -6.29 1.74
CA VAL B 5 12.84 -5.27 2.76
C VAL B 5 11.69 -5.61 3.67
N LEU B 6 11.85 -5.37 4.97
CA LEU B 6 10.76 -5.39 5.93
C LEU B 6 10.68 -3.97 6.48
N THR B 7 9.55 -3.30 6.31
CA THR B 7 9.36 -1.93 6.84
C THR B 7 8.12 -1.88 7.74
N ILE B 8 8.33 -1.35 8.94
CA ILE B 8 7.32 -1.32 10.01
C ILE B 8 7.07 0.14 10.32
N SER B 9 5.89 0.63 9.93
CA SER B 9 5.56 2.05 10.13
C SER B 9 4.07 2.31 9.92
N SER B 10 3.69 3.57 9.95
CA SER B 10 2.28 3.98 9.98
C SER B 10 1.59 3.85 8.64
N TYR B 11 0.27 3.88 8.68
CA TYR B 11 -0.57 3.83 7.46
C TYR B 11 -1.68 4.80 7.53
N VAL B 12 -1.92 5.51 6.41
CA VAL B 12 -3.06 6.35 6.29
C VAL B 12 -3.82 5.94 4.98
N CYS B 13 -5.16 5.97 5.04
CA CYS B 13 -5.98 5.55 3.92
C CYS B 13 -5.94 6.56 2.79
N SER B 14 -5.95 7.84 3.13
CA SER B 14 -5.86 8.95 2.22
C SER B 14 -4.55 9.66 2.51
N GLY B 15 -3.86 10.11 1.45
CA GLY B 15 -2.60 10.80 1.62
C GLY B 15 -1.39 9.94 1.87
N PHE B 16 -0.27 10.57 2.20
CA PHE B 16 1.03 9.93 2.10
C PHE B 16 1.91 10.25 3.32
N VAL B 17 1.98 9.30 4.26
CA VAL B 17 2.95 9.27 5.36
C VAL B 17 3.38 7.83 5.57
N GLY B 18 4.46 7.66 6.29
CA GLY B 18 4.91 6.39 6.79
C GLY B 18 5.00 5.27 5.79
N ASN B 19 4.43 4.11 6.15
CA ASN B 19 4.46 2.99 5.16
C ASN B 19 3.74 3.24 3.87
N ARG B 20 2.75 4.12 3.80
CA ARG B 20 2.16 4.47 2.56
C ARG B 20 3.13 5.16 1.56
N CYS B 21 3.94 6.09 2.09
CA CYS B 21 5.11 6.60 1.32
C CYS B 21 6.05 5.45 0.95
N GLY B 22 6.32 4.61 1.92
CA GLY B 22 7.16 3.41 1.71
C GLY B 22 6.66 2.57 0.53
N MET B 23 5.37 2.32 0.48
CA MET B 23 4.84 1.49 -0.58
C MET B 23 5.04 2.16 -1.95
N ILE B 24 4.62 3.36 -2.10
CA ILE B 24 4.69 4.08 -3.39
C ILE B 24 6.12 4.14 -3.90
N ILE B 25 7.05 4.44 -3.00
CA ILE B 25 8.42 4.54 -3.39
C ILE B 25 9.10 3.17 -3.68
N LEU B 26 8.96 2.24 -2.76
CA LEU B 26 9.57 0.91 -2.96
C LEU B 26 8.90 0.19 -4.14
N ASP B 27 7.59 0.30 -4.28
CA ASP B 27 6.91 -0.27 -5.47
C ASP B 27 7.48 0.33 -6.76
N SER B 28 7.68 1.66 -6.79
CA SER B 28 8.12 2.33 -8.02
C SER B 28 9.58 1.94 -8.38
N PHE B 29 10.37 1.61 -7.36
CA PHE B 29 11.72 1.06 -7.55
C PHE B 29 11.73 -0.47 -7.77
N GLN B 30 10.57 -1.09 -7.71
CA GLN B 30 10.39 -2.54 -7.90
C GLN B 30 11.23 -3.35 -6.91
N ILE B 31 11.29 -2.84 -5.69
CA ILE B 31 11.92 -3.50 -4.57
C ILE B 31 10.86 -4.24 -3.76
N GLN B 32 10.92 -5.56 -3.78
CA GLN B 32 9.87 -6.36 -3.16
C GLN B 32 10.03 -6.27 -1.63
N SER B 33 8.96 -5.86 -0.95
CA SER B 33 8.97 -5.47 0.42
C SER B 33 7.79 -5.96 1.21
N ILE B 34 7.96 -6.13 2.50
CA ILE B 34 6.89 -6.40 3.41
C ILE B 34 6.53 -5.11 4.17
N PHE B 35 5.25 -4.73 4.19
CA PHE B 35 4.82 -3.52 4.84
C PHE B 35 3.94 -3.91 6.00
N VAL B 36 4.52 -3.93 7.22
CA VAL B 36 3.77 -4.17 8.45
C VAL B 36 3.29 -2.82 8.95
N LEU B 37 2.00 -2.70 9.20
CA LEU B 37 1.45 -1.43 9.66
C LEU B 37 1.43 -1.31 11.14
N THR B 38 1.61 -0.06 11.60
CA THR B 38 1.53 0.24 13.02
C THR B 38 0.31 1.06 13.38
N THR B 39 -0.42 1.54 12.37
CA THR B 39 -1.67 2.25 12.54
C THR B 39 -2.51 1.94 11.31
N HIS B 40 -3.80 2.18 11.41
CA HIS B 40 -4.71 2.20 10.28
C HIS B 40 -5.61 3.41 10.44
N LEU B 41 -5.12 4.55 9.99
CA LEU B 41 -5.79 5.78 10.15
C LEU B 41 -6.40 6.27 8.85
N ALA B 42 -7.44 7.09 8.96
CA ALA B 42 -8.09 7.66 7.78
C ALA B 42 -7.16 8.59 6.97
N ASN B 43 -6.40 9.37 7.73
CA ASN B 43 -5.66 10.49 7.22
C ASN B 43 -4.60 10.86 8.28
N HIS B 44 -3.69 11.71 7.86
CA HIS B 44 -2.61 12.09 8.79
C HIS B 44 -3.12 13.01 9.89
N THR B 45 -2.22 13.24 10.86
CA THR B 45 -2.58 13.94 12.06
C THR B 45 -2.67 15.47 11.92
N GLY B 46 -2.37 16.01 10.77
CA GLY B 46 -2.65 17.37 10.40
C GLY B 46 -4.08 17.87 10.32
N TYR B 47 -5.04 16.98 10.16
CA TYR B 47 -6.42 17.29 10.11
C TYR B 47 -7.04 17.37 11.53
N PRO B 48 -8.16 18.08 11.68
CA PRO B 48 -8.89 18.16 12.97
C PRO B 48 -9.35 16.80 13.50
N VAL B 49 -9.59 15.85 12.59
CA VAL B 49 -10.19 14.57 12.95
C VAL B 49 -9.29 13.54 12.35
N VAL B 50 -8.90 12.54 13.13
CA VAL B 50 -8.02 11.48 12.71
C VAL B 50 -8.63 10.13 13.08
N GLY B 51 -9.50 9.61 12.19
CA GLY B 51 -10.21 8.36 12.50
C GLY B 51 -9.29 7.17 12.38
N GLY B 52 -9.64 6.11 13.10
CA GLY B 52 -8.91 4.87 13.09
C GLY B 52 -8.02 4.71 14.30
N SER B 53 -7.39 3.56 14.38
CA SER B 53 -6.67 3.15 15.61
C SER B 53 -5.25 2.72 15.32
N GLY B 54 -4.40 2.77 16.35
CA GLY B 54 -3.13 2.11 16.27
C GLY B 54 -3.26 0.61 16.31
N VAL B 55 -2.29 -0.06 15.74
CA VAL B 55 -2.26 -1.52 15.74
C VAL B 55 -2.00 -2.05 17.13
N LEU B 56 -2.71 -3.13 17.46
CA LEU B 56 -2.61 -3.71 18.83
C LEU B 56 -1.44 -4.70 18.88
N LEU B 57 -0.79 -4.80 20.05
CA LEU B 57 0.38 -5.69 20.20
C LEU B 57 0.05 -7.11 19.76
N ASN B 58 -1.11 -7.62 20.16
CA ASN B 58 -1.44 -9.01 19.86
C ASN B 58 -1.47 -9.29 18.36
N ASP B 59 -2.04 -8.33 17.65
CA ASP B 59 -2.13 -8.42 16.19
C ASP B 59 -0.75 -8.31 15.55
N PHE B 60 0.04 -7.36 16.05
CA PHE B 60 1.41 -7.21 15.60
C PHE B 60 2.23 -8.51 15.74
N ILE B 61 2.14 -9.14 16.90
CA ILE B 61 2.79 -10.40 17.14
C ILE B 61 2.28 -11.47 16.16
N SER B 62 0.97 -11.56 16.02
CA SER B 62 0.38 -12.57 15.14
C SER B 62 0.93 -12.40 13.71
N ILE B 63 1.02 -11.14 13.27
CA ILE B 63 1.56 -10.83 11.95
C ILE B 63 3.01 -11.22 11.80
N MET B 64 3.81 -10.81 12.76
CA MET B 64 5.24 -11.09 12.67
C MET B 64 5.50 -12.61 12.72
N ASP B 65 4.78 -13.31 13.59
CA ASP B 65 4.91 -14.76 13.69
C ASP B 65 4.54 -15.44 12.35
N SER B 66 3.45 -14.98 11.73
CA SER B 66 3.03 -15.58 10.44
C SER B 66 4.11 -15.39 9.34
N LEU B 67 4.67 -14.18 9.27
CA LEU B 67 5.76 -13.87 8.30
C LEU B 67 6.89 -14.80 8.52
N GLU B 68 7.29 -14.98 9.78
CA GLU B 68 8.40 -15.88 10.13
C GLU B 68 8.18 -17.33 9.82
N VAL B 69 7.04 -17.87 10.26
CA VAL B 69 6.75 -19.27 10.09
C VAL B 69 6.57 -19.63 8.61
N ASN B 70 6.03 -18.71 7.82
CA ASN B 70 5.84 -18.95 6.36
C ASN B 70 7.14 -18.71 5.59
N HIS B 71 8.23 -18.33 6.27
CA HIS B 71 9.55 -18.03 5.70
C HIS B 71 9.47 -16.83 4.76
N LEU B 72 8.53 -15.91 4.96
CA LEU B 72 8.41 -14.76 4.08
C LEU B 72 9.42 -13.67 4.36
N ASP B 73 10.15 -13.81 5.48
CA ASP B 73 11.17 -12.83 5.86
C ASP B 73 12.56 -13.43 5.83
N LYS B 74 12.69 -14.62 5.28
CA LYS B 74 13.93 -15.38 5.34
C LYS B 74 15.10 -14.68 4.62
N ASP B 75 14.79 -14.03 3.49
CA ASP B 75 15.73 -13.42 2.60
C ASP B 75 15.80 -11.88 2.75
N ILE B 76 15.18 -11.31 3.76
CA ILE B 76 15.28 -9.86 4.02
C ILE B 76 16.75 -9.47 4.22
N GLU B 77 17.13 -8.40 3.55
CA GLU B 77 18.45 -7.78 3.71
C GLU B 77 18.40 -6.37 4.30
N PHE B 78 17.21 -5.77 4.35
CA PHE B 78 17.03 -4.41 4.87
C PHE B 78 15.78 -4.36 5.73
N LEU B 79 15.87 -3.56 6.79
CA LEU B 79 14.81 -3.37 7.71
C LEU B 79 14.66 -1.89 7.96
N VAL B 80 13.42 -1.41 8.00
CA VAL B 80 13.09 -0.03 8.25
C VAL B 80 12.06 0.00 9.38
N THR B 81 12.26 0.90 10.33
CA THR B 81 11.16 1.29 11.25
C THR B 81 10.91 2.78 11.12
N GLY B 82 9.66 3.16 11.32
CA GLY B 82 9.25 4.57 11.42
C GLY B 82 8.42 4.84 12.64
N TYR B 83 7.17 5.12 12.40
CA TYR B 83 6.24 5.57 13.40
C TYR B 83 5.65 4.42 14.17
N PHE B 84 5.63 4.58 15.49
CA PHE B 84 4.91 3.68 16.38
C PHE B 84 3.98 4.48 17.29
N PRO B 85 2.73 3.99 17.49
CA PRO B 85 1.75 4.68 18.33
C PRO B 85 1.89 4.37 19.78
N SER B 86 2.66 3.36 20.14
CA SER B 86 2.75 2.87 21.49
C SER B 86 4.07 2.15 21.67
N SER B 87 4.60 2.18 22.92
CA SER B 87 5.90 1.60 23.15
C SER B 87 5.91 0.08 23.13
N ASP B 88 4.78 -0.57 23.44
CA ASP B 88 4.71 -2.04 23.37
C ASP B 88 5.14 -2.60 22.01
N LEU B 89 4.74 -1.94 20.95
CA LEU B 89 5.15 -2.31 19.59
C LEU B 89 6.64 -2.09 19.38
N VAL B 90 7.22 -1.03 20.00
CA VAL B 90 8.64 -0.76 19.86
C VAL B 90 9.43 -1.89 20.54
N TYR B 91 9.05 -2.25 21.76
CA TYR B 91 9.79 -3.27 22.45
C TYR B 91 9.66 -4.63 21.78
N GLU B 92 8.49 -4.94 21.22
CA GLU B 92 8.35 -6.13 20.43
C GLU B 92 9.23 -6.08 19.18
N THR B 93 9.30 -4.93 18.52
CA THR B 93 10.13 -4.78 17.37
C THR B 93 11.60 -5.02 17.72
N ILE B 94 12.07 -4.51 18.87
CA ILE B 94 13.41 -4.80 19.32
C ILE B 94 13.64 -6.31 19.42
N ASN B 95 12.70 -7.04 20.00
CA ASN B 95 12.83 -8.51 20.04
C ASN B 95 13.00 -9.12 18.67
N ARG B 96 12.24 -8.59 17.71
CA ARG B 96 12.24 -9.09 16.34
C ARG B 96 13.55 -8.76 15.65
N VAL B 97 14.06 -7.52 15.87
CA VAL B 97 15.27 -7.07 15.24
C VAL B 97 16.46 -7.90 15.75
N LYS B 98 16.49 -8.14 17.04
CA LYS B 98 17.58 -8.96 17.63
C LYS B 98 17.65 -10.34 17.02
N ARG B 99 16.49 -11.00 16.92
CA ARG B 99 16.42 -12.33 16.28
C ARG B 99 16.86 -12.32 14.81
N ILE B 100 16.41 -11.34 14.05
CA ILE B 100 16.68 -11.20 12.59
C ILE B 100 18.18 -11.04 12.31
N LYS B 101 18.86 -10.33 13.22
CA LYS B 101 20.28 -10.01 13.09
C LYS B 101 21.17 -11.02 13.76
N ASP B 102 20.65 -11.74 14.74
CA ASP B 102 21.44 -12.78 15.42
C ASP B 102 21.87 -13.89 14.49
N ASN B 103 21.09 -14.16 13.45
CA ASN B 103 21.42 -15.24 12.51
C ASN B 103 21.51 -14.81 11.03
N LYS B 104 21.45 -13.51 10.75
CA LYS B 104 21.71 -13.03 9.39
C LYS B 104 22.15 -11.54 9.43
N LYS B 105 22.81 -11.08 8.38
CA LYS B 105 23.19 -9.70 8.21
C LYS B 105 22.03 -8.92 7.58
N VAL B 106 21.47 -7.99 8.36
CA VAL B 106 20.35 -7.18 7.89
C VAL B 106 20.64 -5.73 8.23
N TYR B 107 20.57 -4.87 7.23
CA TYR B 107 20.82 -3.43 7.35
C TYR B 107 19.57 -2.76 7.82
N PHE B 108 19.63 -2.17 9.02
CA PHE B 108 18.48 -1.62 9.69
C PHE B 108 18.61 -0.11 9.69
N LEU B 109 17.73 0.53 8.97
CA LEU B 109 17.53 1.97 8.96
C LEU B 109 16.41 2.29 9.90
N CYS B 110 16.71 2.99 11.02
CA CYS B 110 15.70 3.40 11.96
C CYS B 110 15.45 4.88 11.79
N ASP B 111 14.24 5.25 11.35
CA ASP B 111 13.86 6.61 11.31
C ASP B 111 13.16 6.89 12.60
N PRO B 112 13.78 7.65 13.53
CA PRO B 112 13.32 7.68 14.94
C PRO B 112 12.24 8.73 15.08
N ILE B 113 11.05 8.42 14.56
CA ILE B 113 10.01 9.38 14.40
C ILE B 113 9.41 9.66 15.77
N LEU B 114 9.60 10.89 16.21
CA LEU B 114 9.12 11.36 17.44
C LEU B 114 8.50 12.74 17.30
N GLY B 115 9.05 13.60 16.42
CA GLY B 115 8.50 14.97 16.35
C GLY B 115 9.28 15.86 15.40
N ASP B 116 8.99 17.15 15.43
CA ASP B 116 9.62 18.07 14.46
C ASP B 116 9.40 19.49 14.99
N ASN B 117 10.26 20.41 14.57
CA ASN B 117 10.14 21.85 14.92
C ASN B 117 9.94 22.10 16.41
N GLY B 118 10.77 21.42 17.20
CA GLY B 118 10.75 21.58 18.66
C GLY B 118 9.72 20.76 19.43
N LYS B 119 8.78 20.12 18.72
CA LYS B 119 7.57 19.58 19.33
C LYS B 119 7.34 18.11 19.03
N MET B 120 7.00 17.33 20.06
CA MET B 120 6.70 15.90 19.88
C MET B 120 5.30 15.66 19.27
N TYR B 121 5.19 14.66 18.38
CA TYR B 121 3.89 14.11 17.96
C TYR B 121 3.82 12.58 18.18
N THR B 122 4.44 12.15 19.28
CA THR B 122 4.40 10.77 19.76
C THR B 122 4.16 10.77 21.25
N LYS B 123 3.65 9.64 21.77
CA LYS B 123 3.50 9.45 23.20
C LYS B 123 4.87 9.45 23.90
N SER B 124 4.93 10.02 25.09
CA SER B 124 6.16 10.02 25.89
C SER B 124 6.82 8.64 26.08
N GLU B 125 5.97 7.63 26.22
CA GLU B 125 6.48 6.25 26.36
C GLU B 125 7.25 5.82 25.12
N VAL B 126 6.76 6.29 23.95
CA VAL B 126 7.44 6.01 22.69
C VAL B 126 8.84 6.62 22.64
N GLN B 127 9.02 7.86 23.14
CA GLN B 127 10.38 8.43 23.20
C GLN B 127 11.37 7.57 23.91
N ASP B 128 10.98 7.08 25.08
CA ASP B 128 11.91 6.31 25.87
C ASP B 128 12.27 5.02 25.18
N SER B 129 11.25 4.37 24.60
CA SER B 129 11.45 3.13 23.88
C SER B 129 12.32 3.32 22.62
N MET B 130 12.19 4.50 22.00
CA MET B 130 12.98 4.80 20.80
C MET B 130 14.46 4.94 21.10
N LYS B 131 14.77 5.41 22.29
CA LYS B 131 16.17 5.46 22.69
C LYS B 131 16.80 4.08 22.73
N GLU B 132 16.00 3.05 22.98
CA GLU B 132 16.48 1.67 22.98
C GLU B 132 16.53 1.12 21.56
N LEU B 133 15.51 1.35 20.77
CA LEU B 133 15.45 0.82 19.41
C LEU B 133 16.62 1.29 18.56
N ILE B 134 17.00 2.57 18.68
CA ILE B 134 18.03 3.10 17.84
C ILE B 134 19.38 2.41 18.02
N LYS B 135 19.62 1.84 19.21
CA LYS B 135 20.84 1.17 19.51
C LYS B 135 21.11 -0.05 18.67
N TYR B 136 20.08 -0.56 18.00
CA TYR B 136 20.21 -1.69 17.15
C TYR B 136 20.36 -1.34 15.67
N ALA B 137 20.25 -0.07 15.30
CA ALA B 137 20.19 0.35 13.91
C ALA B 137 21.57 0.48 13.35
N ASP B 138 21.69 0.19 12.06
CA ASP B 138 22.88 0.46 11.27
C ASP B 138 22.99 1.93 10.88
N ILE B 139 21.88 2.58 10.69
CA ILE B 139 21.81 3.99 10.38
C ILE B 139 20.56 4.55 10.97
N ILE B 140 20.60 5.77 11.49
CA ILE B 140 19.43 6.44 11.96
C ILE B 140 19.28 7.78 11.29
N THR B 141 18.04 8.26 11.17
CA THR B 141 17.76 9.46 10.39
C THR B 141 16.95 10.49 11.14
N PRO B 142 17.43 10.97 12.30
CA PRO B 142 16.70 11.96 13.00
C PRO B 142 16.76 13.28 12.33
N ASN B 143 15.70 14.05 12.49
CA ASN B 143 15.88 15.47 12.37
C ASN B 143 16.52 16.10 13.62
N ALA B 144 16.85 17.38 13.58
CA ALA B 144 17.54 18.04 14.67
C ALA B 144 16.73 17.94 15.96
N THR B 145 15.41 18.05 15.87
CA THR B 145 14.57 17.94 17.08
C THR B 145 14.67 16.58 17.70
N GLU B 146 14.62 15.58 16.87
CA GLU B 146 14.65 14.17 17.28
C GLU B 146 16.04 13.90 17.91
N LEU B 147 17.08 14.41 17.25
CA LEU B 147 18.46 14.24 17.80
C LEU B 147 18.58 14.84 19.16
N SER B 148 18.06 16.07 19.30
CA SER B 148 18.08 16.75 20.60
C SER B 148 17.33 15.92 21.66
N PHE B 149 16.13 15.44 21.32
CA PHE B 149 15.36 14.55 22.24
C PHE B 149 16.05 13.25 22.61
N LEU B 150 16.78 12.67 21.69
CA LEU B 150 17.46 11.40 21.90
C LEU B 150 18.73 11.56 22.73
N THR B 151 19.33 12.74 22.77
CA THR B 151 20.59 12.98 23.46
C THR B 151 20.57 13.92 24.68
N GLY B 152 19.54 14.75 24.79
CA GLY B 152 19.52 15.85 25.76
C GLY B 152 20.38 17.02 25.45
N LEU B 153 20.97 17.06 24.25
CA LEU B 153 21.69 18.24 23.84
C LEU B 153 20.85 19.13 22.93
N GLU B 154 21.14 20.43 22.96
CA GLU B 154 20.51 21.35 21.99
C GLU B 154 21.15 21.06 20.64
N VAL B 155 20.36 21.12 19.59
CA VAL B 155 20.93 20.94 18.27
C VAL B 155 20.52 22.12 17.37
N ASN B 156 21.29 23.17 17.41
CA ASN B 156 21.04 24.40 16.64
C ASN B 156 22.19 24.76 15.74
N SER B 157 23.08 23.81 15.49
CA SER B 157 24.26 24.04 14.69
C SER B 157 24.88 22.73 14.34
N VAL B 158 25.68 22.71 13.27
CA VAL B 158 26.46 21.55 12.93
C VAL B 158 27.38 21.13 14.08
N SER B 159 28.09 22.08 14.66
CA SER B 159 29.03 21.75 15.76
C SER B 159 28.24 21.05 16.91
N GLU B 160 27.06 21.56 17.25
CA GLU B 160 26.20 20.96 18.28
C GLU B 160 25.68 19.61 17.86
N ALA B 161 25.32 19.49 16.60
CA ALA B 161 24.86 18.20 16.07
C ALA B 161 25.94 17.14 16.15
N ILE B 162 27.16 17.51 15.84
CA ILE B 162 28.31 16.58 15.97
C ILE B 162 28.52 16.08 17.40
N LYS B 163 28.39 16.97 18.35
CA LYS B 163 28.48 16.57 19.77
C LYS B 163 27.37 15.65 20.19
N ALA B 164 26.18 15.91 19.68
CA ALA B 164 25.06 15.03 19.97
C ALA B 164 25.23 13.66 19.30
N CYS B 165 25.70 13.67 18.07
CA CYS B 165 25.91 12.41 17.34
C CYS B 165 26.90 11.54 18.11
N HIS B 166 27.93 12.18 18.68
CA HIS B 166 28.97 11.47 19.45
C HIS B 166 28.45 10.67 20.64
N ILE B 167 27.46 11.22 21.35
CA ILE B 167 26.74 10.49 22.39
C ILE B 167 26.15 9.19 21.82
N LEU B 168 25.50 9.25 20.65
CA LEU B 168 24.86 8.11 20.07
C LEU B 168 25.84 7.14 19.43
N HIS B 169 26.92 7.65 18.83
CA HIS B 169 27.94 6.76 18.33
C HIS B 169 28.58 5.96 19.49
N GLU B 170 28.74 6.60 20.62
CA GLU B 170 29.31 5.88 21.81
C GLU B 170 28.41 4.74 22.28
N GLN B 171 27.12 4.81 21.98
CA GLN B 171 26.20 3.73 22.27
C GLN B 171 26.26 2.63 21.23
N GLY B 172 27.08 2.84 20.19
CA GLY B 172 27.28 1.83 19.18
C GLY B 172 26.72 2.16 17.81
N ILE B 173 25.98 3.26 17.66
CA ILE B 173 25.27 3.50 16.38
C ILE B 173 26.24 3.93 15.31
N PRO B 174 26.36 3.16 14.20
CA PRO B 174 27.42 3.46 13.26
C PRO B 174 27.30 4.72 12.44
N VAL B 175 26.09 5.06 12.01
CA VAL B 175 25.90 6.19 11.10
C VAL B 175 24.65 6.96 11.51
N ILE B 176 24.77 8.27 11.52
CA ILE B 176 23.66 9.15 11.88
C ILE B 176 23.52 10.19 10.80
N LEU B 177 22.36 10.24 10.15
CA LEU B 177 22.06 11.25 9.19
C LEU B 177 21.09 12.21 9.82
N VAL B 178 21.57 13.39 10.11
CA VAL B 178 20.77 14.42 10.73
C VAL B 178 20.16 15.22 9.58
N THR B 179 18.86 15.18 9.43
CA THR B 179 18.31 15.50 8.08
C THR B 179 18.07 16.93 7.86
N SER B 180 17.89 17.71 8.93
CA SER B 180 17.78 19.14 8.80
C SER B 180 18.33 19.68 10.12
N ILE B 181 19.16 20.68 10.00
CA ILE B 181 19.69 21.45 11.08
C ILE B 181 19.53 22.89 10.64
N LYS B 182 18.92 23.72 11.48
CA LYS B 182 18.78 25.15 11.23
C LYS B 182 19.99 25.80 11.84
N GLU B 183 20.96 26.09 10.98
CA GLU B 183 22.17 26.84 11.35
C GLU B 183 22.13 28.25 10.73
N GLY B 184 21.85 29.24 11.57
CA GLY B 184 21.56 30.59 11.10
C GLY B 184 20.30 30.54 10.25
N ASN B 185 20.41 31.03 9.01
CA ASN B 185 19.31 30.92 8.03
C ASN B 185 19.68 29.92 6.94
N ASP B 186 20.63 29.03 7.24
CA ASP B 186 20.95 27.88 6.40
C ASP B 186 20.29 26.64 6.99
N ILE B 187 19.97 25.70 6.08
CA ILE B 187 19.49 24.35 6.43
C ILE B 187 20.59 23.39 5.98
N ILE B 188 21.09 22.59 6.93
CA ILE B 188 22.22 21.72 6.72
C ILE B 188 21.88 20.30 7.09
N LEU B 189 22.22 19.34 6.21
CA LEU B 189 22.15 17.96 6.51
C LEU B 189 23.55 17.48 6.89
N LEU B 190 23.64 16.68 7.94
CA LEU B 190 24.93 16.13 8.42
C LEU B 190 24.89 14.65 8.39
N CYS B 191 25.96 14.00 7.89
CA CYS B 191 26.11 12.55 7.95
C CYS B 191 27.34 12.33 8.80
N SER B 192 27.12 11.72 9.95
CA SER B 192 28.16 11.50 10.95
C SER B 192 28.39 9.99 11.14
N PHE B 193 29.68 9.63 11.23
CA PHE B 193 30.08 8.26 11.39
C PHE B 193 30.77 7.97 12.71
N LYS B 194 30.47 6.82 13.29
CA LYS B 194 31.20 6.35 14.48
C LYS B 194 32.62 6.07 14.09
N ASP B 195 32.80 5.46 12.93
CA ASP B 195 34.13 5.10 12.42
C ASP B 195 34.63 6.17 11.45
N THR B 196 35.38 7.16 11.97
CA THR B 196 35.89 8.21 11.13
C THR B 196 37.29 7.85 10.60
N LEU B 197 37.76 6.64 10.89
CA LEU B 197 38.97 6.15 10.25
C LEU B 197 38.66 5.82 8.78
N ASN B 198 37.60 5.06 8.59
CA ASN B 198 37.26 4.53 7.26
C ASN B 198 36.17 5.28 6.54
N ASN B 199 35.62 6.32 7.16
CA ASN B 199 34.50 7.09 6.54
C ASN B 199 34.78 8.53 6.86
N LYS B 200 34.29 9.47 6.04
CA LYS B 200 34.47 10.92 6.29
C LYS B 200 33.11 11.57 6.58
N ASN B 201 32.98 12.24 7.72
CA ASN B 201 31.75 13.01 8.00
C ASN B 201 31.56 14.06 6.95
N PHE B 202 30.31 14.29 6.57
CA PHE B 202 30.04 15.34 5.64
C PHE B 202 28.77 16.09 5.91
N THR B 203 28.70 17.26 5.33
CA THR B 203 27.48 18.04 5.31
C THR B 203 26.98 18.38 3.91
N ILE B 204 25.71 18.65 3.82
CA ILE B 204 25.11 19.18 2.57
C ILE B 204 24.23 20.34 2.92
N LYS B 205 24.46 21.47 2.26
CA LYS B 205 23.63 22.65 2.47
C LYS B 205 22.47 22.54 1.50
N ILE B 206 21.26 22.69 2.01
CA ILE B 206 20.04 22.49 1.22
C ILE B 206 19.06 23.61 1.42
N PRO B 207 18.15 23.85 0.45
CA PRO B 207 17.22 24.97 0.67
C PRO B 207 16.11 24.59 1.68
N ARG B 208 15.48 25.60 2.29
CA ARG B 208 14.45 25.47 3.33
C ARG B 208 13.24 24.53 3.11
N PHE B 213 3.59 20.76 5.63
CA PHE B 213 3.92 19.40 5.18
C PHE B 213 4.05 18.33 6.28
N THR B 214 3.83 17.08 5.89
CA THR B 214 3.62 15.97 6.85
C THR B 214 4.55 14.68 6.66
N GLY B 215 4.62 14.20 5.41
CA GLY B 215 5.42 13.02 4.91
C GLY B 215 6.67 13.32 4.04
N VAL B 216 7.17 14.53 4.24
CA VAL B 216 8.42 14.95 3.65
C VAL B 216 9.48 14.01 4.16
N GLY B 217 9.71 13.95 5.48
CA GLY B 217 10.84 13.13 5.95
C GLY B 217 10.66 11.68 5.54
N ASP B 218 9.42 11.21 5.55
CA ASP B 218 9.20 9.75 5.26
C ASP B 218 9.59 9.45 3.84
N THR B 219 9.32 10.38 2.93
CA THR B 219 9.66 10.20 1.52
C THR B 219 11.18 10.12 1.39
N LEU B 220 11.87 11.04 2.07
CA LEU B 220 13.38 10.98 2.07
C LEU B 220 13.88 9.62 2.47
N THR B 221 13.36 9.07 3.57
CA THR B 221 13.79 7.82 4.09
C THR B 221 13.73 6.70 3.05
N TYR B 222 12.62 6.64 2.36
CA TYR B 222 12.48 5.55 1.40
C TYR B 222 13.23 5.73 0.10
N ILE B 223 13.36 6.95 -0.38
CA ILE B 223 14.20 7.14 -1.59
C ILE B 223 15.64 6.82 -1.23
N LEU B 224 16.10 7.34 -0.11
CA LEU B 224 17.44 7.04 0.38
C LEU B 224 17.70 5.54 0.46
N LEU B 225 16.77 4.83 1.11
CA LEU B 225 16.90 3.40 1.22
C LEU B 225 16.93 2.71 -0.12
N SER B 226 16.09 3.13 -1.05
CA SER B 226 16.03 2.52 -2.35
C SER B 226 17.38 2.60 -3.03
N TRP B 227 18.02 3.79 -3.01
CA TRP B 227 19.33 3.90 -3.64
C TRP B 227 20.39 3.14 -2.90
N ILE B 228 20.33 3.07 -1.57
CA ILE B 228 21.26 2.17 -0.85
C ILE B 228 21.11 0.72 -1.32
N ILE B 229 19.87 0.29 -1.47
CA ILE B 229 19.56 -1.06 -1.97
C ILE B 229 20.07 -1.29 -3.39
N LYS B 230 19.98 -0.27 -4.26
CA LYS B 230 20.52 -0.31 -5.60
C LYS B 230 22.05 -0.22 -5.69
N GLY B 231 22.73 -0.07 -4.57
CA GLY B 231 24.16 -0.14 -4.51
C GLY B 231 24.87 1.19 -4.64
N ILE B 232 24.13 2.28 -4.54
CA ILE B 232 24.71 3.64 -4.66
C ILE B 232 25.42 3.96 -3.37
N PRO B 233 26.67 4.41 -3.42
CA PRO B 233 27.32 4.85 -2.16
C PRO B 233 26.55 5.90 -1.41
N LEU B 234 26.65 5.82 -0.08
CA LEU B 234 25.79 6.57 0.81
C LEU B 234 25.78 8.07 0.50
N GLU B 235 26.96 8.68 0.24
CA GLU B 235 27.02 10.12 -0.07
C GLU B 235 26.20 10.46 -1.28
N HIS B 236 26.25 9.61 -2.30
CA HIS B 236 25.53 9.86 -3.51
C HIS B 236 24.07 9.56 -3.29
N ALA B 237 23.76 8.50 -2.53
CA ALA B 237 22.40 8.15 -2.23
C ALA B 237 21.67 9.29 -1.48
N VAL B 238 22.37 9.88 -0.51
CA VAL B 238 21.80 11.02 0.23
C VAL B 238 21.55 12.19 -0.69
N ASN B 239 22.54 12.53 -1.51
CA ASN B 239 22.38 13.64 -2.46
C ASN B 239 21.24 13.40 -3.42
N ARG B 240 21.13 12.18 -3.98
CA ARG B 240 19.97 11.89 -4.83
C ARG B 240 18.65 12.03 -4.11
N ALA B 241 18.56 11.46 -2.92
CA ALA B 241 17.31 11.43 -2.17
C ALA B 241 16.85 12.87 -1.88
N ILE B 242 17.75 13.70 -1.37
CA ILE B 242 17.34 15.07 -1.02
C ILE B 242 17.01 15.90 -2.28
N SER B 243 17.75 15.66 -3.36
CA SER B 243 17.46 16.23 -4.68
C SER B 243 16.07 15.85 -5.19
N THR B 244 15.71 14.56 -5.16
CA THR B 244 14.40 14.12 -5.58
C THR B 244 13.25 14.59 -4.65
N LEU B 245 13.50 14.54 -3.36
CA LEU B 245 12.50 15.00 -2.43
C LEU B 245 12.13 16.38 -2.68
N GLN B 246 13.15 17.21 -2.89
CA GLN B 246 12.83 18.56 -2.98
C GLN B 246 12.10 18.85 -4.26
N THR B 247 12.43 18.08 -5.31
CA THR B 247 11.70 18.20 -6.53
C THR B 247 10.23 17.96 -6.28
N ILE B 248 9.93 16.95 -5.49
CA ILE B 248 8.53 16.64 -5.18
C ILE B 248 7.84 17.79 -4.46
N LEU B 249 8.49 18.31 -3.43
CA LEU B 249 7.98 19.45 -2.66
C LEU B 249 7.82 20.70 -3.48
N ARG B 250 8.82 21.05 -4.27
CA ARG B 250 8.67 22.22 -5.11
C ARG B 250 7.54 22.15 -6.13
N ASN B 251 7.16 20.94 -6.53
CA ASN B 251 6.01 20.71 -7.43
C ASN B 251 4.73 20.30 -6.74
N THR B 252 4.66 20.64 -5.45
CA THR B 252 3.48 20.35 -4.65
C THR B 252 2.71 21.65 -4.48
N VAL B 253 1.43 21.61 -4.80
CA VAL B 253 0.51 22.74 -4.55
C VAL B 253 -0.06 22.62 -3.14
N GLY B 254 0.06 23.67 -2.35
CA GLY B 254 -0.46 23.64 -0.98
C GLY B 254 0.33 22.68 -0.12
N THR B 255 -0.09 22.50 1.12
CA THR B 255 0.76 21.80 2.11
C THR B 255 0.06 20.61 2.79
N ALA B 256 -1.21 20.32 2.44
CA ALA B 256 -1.93 19.23 3.09
C ALA B 256 -1.21 17.89 2.80
N GLU B 257 -0.82 17.67 1.54
CA GLU B 257 -0.19 16.39 1.12
C GLU B 257 0.88 16.63 0.08
N ILE B 258 1.95 15.83 0.16
CA ILE B 258 3.00 15.86 -0.85
C ILE B 258 2.44 15.25 -2.10
N ASN B 259 2.82 15.80 -3.23
CA ASN B 259 2.32 15.39 -4.54
C ASN B 259 3.04 14.15 -5.08
N ILE B 260 3.09 13.07 -4.30
CA ILE B 260 3.98 11.94 -4.63
C ILE B 260 3.41 11.11 -5.84
N ILE B 261 2.09 10.98 -5.93
CA ILE B 261 1.52 10.18 -7.06
C ILE B 261 1.85 10.84 -8.41
N ASN B 262 1.70 12.14 -8.55
CA ASN B 262 2.07 12.82 -9.80
C ASN B 262 3.57 12.79 -10.10
N CME B 263 4.38 12.61 -9.05
CA CME B 263 5.83 12.58 -9.19
CB CME B 263 6.45 13.29 -7.98
SG CME B 263 6.09 15.06 -8.12
SD CME B 263 7.40 15.75 -9.53
CE CME B 263 6.40 15.96 -11.01
CZ CME B 263 5.05 16.69 -10.79
OH CME B 263 4.84 17.77 -11.71
C CME B 263 6.40 11.20 -9.30
O CME B 263 7.61 11.06 -9.32
N ILE B 264 5.58 10.16 -9.42
CA ILE B 264 6.12 8.80 -9.52
C ILE B 264 7.21 8.65 -10.61
N PRO B 265 7.03 9.24 -11.80
CA PRO B 265 8.10 9.09 -12.79
C PRO B 265 9.47 9.71 -12.42
N TYR B 266 9.51 10.56 -11.39
CA TYR B 266 10.70 11.27 -10.96
C TYR B 266 11.34 10.62 -9.71
N LEU B 267 10.73 9.54 -9.19
CA LEU B 267 11.23 8.95 -7.95
C LEU B 267 12.60 8.31 -8.14
N LYS B 268 12.84 7.79 -9.34
CA LYS B 268 14.15 7.21 -9.68
C LYS B 268 15.12 8.23 -10.30
N GLY B 269 14.90 9.52 -10.08
CA GLY B 269 15.80 10.55 -10.53
C GLY B 269 17.22 10.35 -10.02
N THR B 270 18.19 10.60 -10.89
CA THR B 270 19.60 10.42 -10.54
C THR B 270 20.37 11.70 -10.39
N GLU B 271 19.69 12.84 -10.52
CA GLU B 271 20.34 14.11 -10.27
C GLU B 271 20.82 14.19 -8.82
N GLU B 272 22.03 14.69 -8.68
CA GLU B 272 22.68 14.94 -7.40
C GLU B 272 23.03 16.43 -7.41
N SER B 273 22.08 17.24 -7.00
CA SER B 273 22.14 18.69 -7.23
C SER B 273 23.09 19.42 -6.26
N PHE B 274 23.25 18.84 -5.09
CA PHE B 274 23.87 19.60 -4.01
C PHE B 274 25.33 19.25 -3.85
N THR B 275 26.03 20.03 -3.04
CA THR B 275 27.47 19.86 -2.81
C THR B 275 27.77 19.12 -1.50
N ILE B 276 28.54 18.05 -1.58
CA ILE B 276 28.99 17.34 -0.42
C ILE B 276 30.25 18.02 0.11
N THR B 277 30.23 18.42 1.37
CA THR B 277 31.36 19.09 2.01
C THR B 277 31.88 18.25 3.15
N TYR B 278 33.15 17.88 3.13
CA TYR B 278 33.70 17.07 4.23
C TYR B 278 34.15 17.98 5.35
N ILE B 279 33.94 17.58 6.59
CA ILE B 279 34.15 18.51 7.71
C ILE B 279 35.30 18.11 8.62
MG MG C . -11.89 -12.53 -7.03
MG MG D . 10.62 12.41 10.19
#